data_9L2K
#
_entry.id   9L2K
#
_cell.length_a   64.471
_cell.length_b   70.346
_cell.length_c   177.469
_cell.angle_alpha   90.000
_cell.angle_beta   90.177
_cell.angle_gamma   90.000
#
_symmetry.space_group_name_H-M   'C 1 2 1'
#
loop_
_entity.id
_entity.type
_entity.pdbx_description
1 polymer 'Envelopment polyprotein'
2 polymer 'SD22 heavy chain'
3 polymer 'SD22 light chain'
4 branched beta-D-mannopyranose-(1-4)-2-acetamido-2-deoxy-beta-D-glucopyranose-(1-4)-2-acetamido-2-deoxy-beta-D-glucopyranose
5 branched 2-acetamido-2-deoxy-beta-D-glucopyranose-(1-4)-2-acetamido-2-deoxy-beta-D-glucopyranose
#
loop_
_entity_poly.entity_id
_entity_poly.type
_entity_poly.pdbx_seq_one_letter_code
_entity_poly.pdbx_strand_id
1 'polypeptide(L)'
;MGWSCIILFLVATATGVHSGDSGPIICAGPIHSNKSAGIPHLLGYSEKICQIDRLIHVSSWLRNHSQFQGYVGQRGGRSQ
VSYYPAENSYSRWSGLLSPCDADWLGMLVVKKARESDMIVPGPSYKGKVFFERPTFDGYVGWGCGSGKSRTESGELCSSD
SGTSSGLLPSDRVLWIGDVACQLMTPIPEETFLELKSFSQSEFPDICKIDGIVFNQCEGESLPQPFDVAWMDVGHSHKII
MREHKTKWVQESSSKDFVCYKEGTGPCSESEEKACKTSGSCRGDMQFCKVAGCEHGEETSEAKCRCSLVHKPGEVVVSYG
GMRVRPKCYGFSRMMATLHHHHHH
;
A
2 'polypeptide(L)'
;QVQLVESGGGVVQPGRSLRLSCAASGFTFSGFGMHWVRQAPGKGLEWVALISYDGSDTYYSDSVKGRFTISRDNSKNTLY
LQLKSLRPDDTAVYYCVGDRDYFGSGFFDHWGQGTLVTVSSASTKGPSVFPLAPSSKSTSGGTAALGCLVKDYFPEPVTV
SWNSGALTSGVHTFPAVLQSSGLYSLSSVVTVPSSSLGTQTYICNVNHKPSNTKVDKRVEPKS
;
H
3 'polypeptide(L)'
;DIQMTQSPSSLSASIGDRVTITCRASRHITNHLNWYQHKPGRAPKLLIYEASNLQAGVPSRFSGSGSGTDFTFTISSLQP
EDFATYYCQQYDNLPPAFGGGTKVDIKRTVAAPSVFIFPPSDEQLKSGTASVVCLLNNFYPREAKVQWKVDNALQSGNSQ
ESVTEQDSKDSTYSLSSTLTLSKADYEKHKVYACEVTHQGLSSPVTKSFNRGEC
;
L
#
loop_
_chem_comp.id
_chem_comp.type
_chem_comp.name
_chem_comp.formula
BMA D-saccharide, beta linking beta-D-mannopyranose 'C6 H12 O6'
NAG D-saccharide, beta linking 2-acetamido-2-deoxy-beta-D-glucopyranose 'C8 H15 N O6'
#
# COMPACT_ATOMS: atom_id res chain seq x y z
N ASP A 21 -11.77 9.48 3.69
CA ASP A 21 -11.64 9.11 2.28
C ASP A 21 -11.82 7.62 2.09
N SER A 22 -13.01 7.22 1.62
CA SER A 22 -13.35 5.82 1.38
C SER A 22 -13.18 4.99 2.64
N GLY A 23 -11.96 4.56 2.90
CA GLY A 23 -11.68 3.64 3.99
C GLY A 23 -11.48 2.24 3.45
N PRO A 24 -10.75 1.42 4.19
CA PRO A 24 -10.54 0.03 3.76
C PRO A 24 -11.74 -0.84 4.09
N ILE A 25 -11.89 -1.90 3.30
CA ILE A 25 -12.95 -2.87 3.56
C ILE A 25 -12.68 -3.63 4.84
N ILE A 26 -11.52 -4.32 4.90
CA ILE A 26 -11.13 -5.04 6.10
C ILE A 26 -9.71 -4.62 6.52
N CYS A 27 -8.79 -4.56 5.58
CA CYS A 27 -7.36 -4.46 5.86
C CYS A 27 -6.84 -3.06 5.56
N ALA A 28 -6.09 -2.50 6.51
CA ALA A 28 -5.45 -1.21 6.31
C ALA A 28 -4.36 -1.32 5.25
N GLY A 29 -3.95 -0.16 4.74
CA GLY A 29 -2.92 -0.09 3.73
C GLY A 29 -1.63 -0.76 4.17
N PRO A 30 -0.96 -1.42 3.22
CA PRO A 30 0.19 -2.25 3.59
C PRO A 30 1.44 -1.42 3.85
N ILE A 31 2.34 -2.01 4.63
CA ILE A 31 3.70 -1.51 4.78
C ILE A 31 4.60 -2.68 4.41
N HIS A 32 4.93 -2.78 3.14
CA HIS A 32 5.68 -3.92 2.63
C HIS A 32 7.16 -3.78 2.95
N SER A 33 7.77 -4.88 3.39
CA SER A 33 9.14 -4.88 3.87
C SER A 33 10.14 -5.42 2.86
N ASN A 34 9.68 -6.06 1.78
CA ASN A 34 10.60 -6.60 0.79
C ASN A 34 9.91 -6.59 -0.57
N LYS A 35 10.59 -6.04 -1.58
CA LYS A 35 10.00 -5.97 -2.90
C LYS A 35 10.02 -7.31 -3.62
N SER A 36 10.95 -8.21 -3.26
CA SER A 36 11.04 -9.50 -3.91
C SER A 36 10.05 -10.52 -3.36
N ALA A 37 9.31 -10.17 -2.30
CA ALA A 37 8.41 -11.11 -1.66
C ALA A 37 7.32 -11.56 -2.63
N GLY A 38 6.75 -12.73 -2.34
CA GLY A 38 5.78 -13.34 -3.23
C GLY A 38 4.35 -12.93 -2.94
N ILE A 39 3.49 -13.15 -3.94
CA ILE A 39 2.07 -12.84 -3.83
C ILE A 39 1.31 -14.15 -3.66
N PRO A 40 0.93 -14.50 -2.43
CA PRO A 40 0.33 -15.82 -2.19
C PRO A 40 -1.06 -15.93 -2.80
N HIS A 41 -1.45 -17.17 -3.05
CA HIS A 41 -2.73 -17.49 -3.70
C HIS A 41 -3.74 -17.90 -2.64
N LEU A 42 -4.34 -16.89 -2.01
CA LEU A 42 -5.30 -17.12 -0.95
C LEU A 42 -6.66 -17.52 -1.52
N LEU A 43 -7.39 -18.34 -0.77
CA LEU A 43 -8.57 -19.01 -1.29
C LEU A 43 -9.90 -18.51 -0.75
N GLY A 44 -9.90 -17.62 0.25
CA GLY A 44 -11.13 -17.16 0.88
C GLY A 44 -11.58 -15.81 0.36
N TYR A 45 -12.90 -15.61 0.34
CA TYR A 45 -13.50 -14.31 0.01
C TYR A 45 -13.45 -13.43 1.25
N SER A 46 -12.26 -12.90 1.51
CA SER A 46 -11.94 -12.07 2.67
C SER A 46 -10.44 -11.88 2.64
N GLU A 47 -9.72 -13.00 2.49
CA GLU A 47 -8.31 -12.92 2.14
C GLU A 47 -8.13 -12.24 0.79
N LYS A 48 -8.97 -12.61 -0.19
CA LYS A 48 -8.95 -11.93 -1.49
C LYS A 48 -9.32 -10.46 -1.32
N ILE A 49 -10.35 -10.18 -0.52
CA ILE A 49 -10.77 -8.80 -0.31
C ILE A 49 -9.66 -8.01 0.40
N CYS A 50 -8.98 -8.64 1.36
CA CYS A 50 -7.87 -8.00 2.04
C CYS A 50 -6.75 -7.66 1.07
N GLN A 51 -6.41 -8.58 0.16
CA GLN A 51 -5.40 -8.29 -0.84
C GLN A 51 -5.86 -7.20 -1.78
N ILE A 52 -7.16 -7.13 -2.06
CA ILE A 52 -7.70 -6.02 -2.84
C ILE A 52 -7.51 -4.70 -2.08
N ASP A 53 -7.79 -4.71 -0.77
CA ASP A 53 -7.65 -3.51 0.04
C ASP A 53 -6.24 -2.93 -0.03
N ARG A 54 -5.24 -3.78 -0.24
CA ARG A 54 -3.83 -3.38 -0.19
C ARG A 54 -3.20 -3.41 -1.58
N LEU A 55 -4.00 -3.40 -2.64
CA LEU A 55 -3.52 -3.29 -4.01
C LEU A 55 -2.53 -4.41 -4.35
N ILE A 56 -2.68 -5.55 -3.67
CA ILE A 56 -1.87 -6.71 -4.01
C ILE A 56 -2.18 -7.19 -5.42
N HIS A 57 -3.44 -7.07 -5.84
CA HIS A 57 -3.82 -7.53 -7.17
C HIS A 57 -3.18 -6.69 -8.28
N VAL A 58 -3.17 -5.36 -8.12
CA VAL A 58 -2.57 -4.51 -9.15
C VAL A 58 -1.07 -4.75 -9.21
N SER A 59 -0.42 -4.96 -8.05
CA SER A 59 1.00 -5.25 -8.04
C SER A 59 1.30 -6.56 -8.76
N SER A 60 0.44 -7.57 -8.57
CA SER A 60 0.61 -8.84 -9.28
C SER A 60 0.45 -8.66 -10.78
N TRP A 61 -0.54 -7.88 -11.20
CA TRP A 61 -0.71 -7.56 -12.62
C TRP A 61 0.58 -6.97 -13.20
N LEU A 62 1.21 -6.06 -12.44
CA LEU A 62 2.46 -5.45 -12.87
C LEU A 62 3.56 -6.50 -13.00
N ARG A 63 3.67 -7.41 -12.02
CA ARG A 63 4.76 -8.37 -12.03
C ARG A 63 4.64 -9.33 -13.22
N ASN A 64 3.43 -9.77 -13.53
CA ASN A 64 3.23 -10.71 -14.62
C ASN A 64 3.47 -10.04 -15.96
N HIS A 65 2.72 -8.98 -16.25
CA HIS A 65 2.65 -8.46 -17.61
C HIS A 65 3.81 -7.53 -17.92
N SER A 66 4.06 -6.54 -17.06
CA SER A 66 5.05 -5.50 -17.36
C SER A 66 6.44 -5.84 -16.84
N GLN A 67 6.65 -7.03 -16.30
CA GLN A 67 7.94 -7.45 -15.76
C GLN A 67 8.47 -6.43 -14.74
N PHE A 68 7.71 -6.29 -13.66
CA PHE A 68 7.91 -5.24 -12.67
C PHE A 68 8.26 -5.85 -11.32
N GLN A 69 9.20 -5.23 -10.62
CA GLN A 69 9.71 -5.74 -9.33
C GLN A 69 9.15 -4.89 -8.21
N GLY A 70 8.22 -5.44 -7.43
CA GLY A 70 7.84 -4.83 -6.19
C GLY A 70 6.35 -4.74 -6.03
N TYR A 71 5.93 -3.85 -5.13
CA TYR A 71 4.53 -3.60 -4.83
C TYR A 71 4.19 -2.15 -5.13
N VAL A 72 2.94 -1.91 -5.54
CA VAL A 72 2.39 -0.57 -5.65
C VAL A 72 1.27 -0.43 -4.64
N GLY A 73 1.18 0.75 -4.02
CA GLY A 73 0.19 1.00 -3.01
C GLY A 73 0.70 0.98 -1.57
N GLN A 74 1.99 1.23 -1.36
CA GLN A 74 2.56 1.21 -0.02
C GLN A 74 1.90 2.26 0.87
N ARG A 75 1.30 1.80 1.96
CA ARG A 75 0.72 2.62 3.04
C ARG A 75 -0.57 3.31 2.64
N GLY A 76 -0.92 3.26 1.36
CA GLY A 76 -2.14 3.92 0.93
C GLY A 76 -3.29 2.94 0.78
N GLY A 77 -3.01 1.83 0.14
CA GLY A 77 -4.03 0.86 -0.14
C GLY A 77 -4.90 1.29 -1.31
N ARG A 78 -6.00 0.55 -1.49
CA ARG A 78 -6.93 0.83 -2.57
C ARG A 78 -7.58 2.19 -2.41
N SER A 79 -7.74 2.66 -1.17
CA SER A 79 -8.49 3.89 -0.92
C SER A 79 -7.78 5.14 -1.41
N GLN A 80 -6.45 5.10 -1.54
CA GLN A 80 -5.69 6.27 -1.94
C GLN A 80 -5.37 6.30 -3.43
N VAL A 81 -5.91 5.35 -4.21
CA VAL A 81 -5.70 5.31 -5.65
C VAL A 81 -6.29 6.57 -6.28
N SER A 82 -5.72 6.97 -7.42
CA SER A 82 -6.18 8.14 -8.16
C SER A 82 -7.16 7.74 -9.25
N TYR A 83 -8.22 8.54 -9.40
CA TYR A 83 -9.27 8.29 -10.37
C TYR A 83 -9.32 9.41 -11.42
N TYR A 84 -9.93 9.08 -12.56
CA TYR A 84 -10.31 10.08 -13.57
C TYR A 84 -11.69 9.74 -14.11
N PRO A 85 -12.68 10.63 -13.95
CA PRO A 85 -12.63 11.96 -13.31
C PRO A 85 -12.38 11.87 -11.81
N ALA A 86 -11.52 12.74 -11.29
CA ALA A 86 -11.03 12.60 -9.91
C ALA A 86 -12.17 12.68 -8.90
N GLU A 87 -13.24 13.40 -9.22
CA GLU A 87 -14.43 13.42 -8.37
C GLU A 87 -15.23 12.15 -8.64
N ASN A 88 -14.74 11.05 -8.06
CA ASN A 88 -15.24 9.71 -8.32
C ASN A 88 -16.26 9.34 -7.26
N SER A 89 -17.51 9.15 -7.68
CA SER A 89 -18.60 8.95 -6.73
C SER A 89 -18.49 7.59 -6.04
N TYR A 90 -18.26 6.53 -6.82
CA TYR A 90 -18.31 5.18 -6.27
C TYR A 90 -17.18 4.94 -5.28
N SER A 91 -16.05 5.65 -5.42
CA SER A 91 -14.89 5.54 -4.55
C SER A 91 -15.30 5.70 -3.10
N ARG A 92 -16.27 6.58 -2.87
CA ARG A 92 -16.75 6.83 -1.51
C ARG A 92 -17.32 5.57 -0.86
N TRP A 93 -17.73 4.58 -1.64
CA TRP A 93 -18.20 3.31 -1.11
C TRP A 93 -17.08 2.28 -1.25
N SER A 94 -16.61 1.75 -0.12
CA SER A 94 -15.49 0.81 -0.17
C SER A 94 -15.90 -0.53 -0.79
N GLY A 95 -17.19 -0.88 -0.72
CA GLY A 95 -17.63 -2.18 -1.21
C GLY A 95 -17.69 -2.29 -2.71
N LEU A 96 -17.95 -1.17 -3.39
CA LEU A 96 -18.04 -1.19 -4.85
C LEU A 96 -16.70 -1.60 -5.46
N LEU A 97 -16.76 -2.53 -6.41
CA LEU A 97 -15.57 -3.23 -6.90
C LEU A 97 -15.18 -2.68 -8.27
N SER A 98 -13.95 -2.20 -8.37
CA SER A 98 -13.41 -1.68 -9.62
C SER A 98 -13.08 -2.83 -10.55
N PRO A 99 -12.90 -2.56 -11.85
CA PRO A 99 -12.58 -3.64 -12.79
C PRO A 99 -11.39 -4.49 -12.38
N CYS A 100 -10.36 -3.89 -11.76
CA CYS A 100 -9.25 -4.70 -11.26
C CYS A 100 -9.68 -5.54 -10.08
N ASP A 101 -10.57 -5.03 -9.22
CA ASP A 101 -11.05 -5.81 -8.10
C ASP A 101 -11.81 -7.04 -8.58
N ALA A 102 -12.64 -6.89 -9.61
CA ALA A 102 -13.32 -8.05 -10.18
C ALA A 102 -12.35 -8.99 -10.88
N ASP A 103 -11.22 -8.47 -11.36
CA ASP A 103 -10.20 -9.32 -11.95
C ASP A 103 -9.60 -10.27 -10.91
N TRP A 104 -9.34 -9.76 -9.69
CA TRP A 104 -8.75 -10.58 -8.64
C TRP A 104 -9.72 -11.63 -8.12
N LEU A 105 -11.02 -11.39 -8.27
CA LEU A 105 -12.04 -12.34 -7.85
C LEU A 105 -12.53 -13.23 -8.99
N GLY A 106 -11.97 -13.07 -10.19
CA GLY A 106 -12.32 -13.91 -11.32
C GLY A 106 -13.50 -13.47 -12.15
N MET A 107 -14.17 -12.38 -11.76
CA MET A 107 -15.41 -11.99 -12.46
C MET A 107 -15.13 -11.50 -13.87
N LEU A 108 -13.93 -11.00 -14.14
CA LEU A 108 -13.57 -10.56 -15.48
C LEU A 108 -12.05 -10.52 -15.56
N VAL A 109 -11.55 -10.18 -16.75
CA VAL A 109 -10.11 -10.11 -17.01
C VAL A 109 -9.79 -8.74 -17.56
N VAL A 110 -8.81 -8.07 -16.96
CA VAL A 110 -8.25 -6.84 -17.50
C VAL A 110 -7.04 -7.21 -18.34
N LYS A 111 -7.13 -7.02 -19.65
CA LYS A 111 -6.12 -7.48 -20.56
C LYS A 111 -4.90 -6.57 -20.56
N LYS A 112 -3.76 -7.14 -20.96
CA LYS A 112 -2.58 -6.32 -21.19
C LYS A 112 -2.75 -5.52 -22.46
N ALA A 113 -2.38 -4.25 -22.41
CA ALA A 113 -2.58 -3.35 -23.54
C ALA A 113 -1.74 -3.77 -24.74
N ARG A 114 -2.34 -3.68 -25.91
CA ARG A 114 -1.67 -3.88 -27.18
C ARG A 114 -1.49 -2.53 -27.86
N GLU A 115 -0.85 -2.54 -29.03
CA GLU A 115 -0.64 -1.30 -29.76
C GLU A 115 -1.97 -0.68 -30.18
N SER A 116 -2.93 -1.53 -30.58
CA SER A 116 -4.20 -1.03 -31.10
C SER A 116 -5.05 -0.37 -30.02
N ASP A 117 -4.94 -0.85 -28.78
CA ASP A 117 -5.73 -0.27 -27.68
C ASP A 117 -5.38 1.20 -27.53
N MET A 118 -6.37 2.07 -27.71
CA MET A 118 -6.15 3.50 -27.77
C MET A 118 -6.16 4.10 -26.37
N ILE A 119 -5.07 4.76 -25.99
CA ILE A 119 -5.02 5.47 -24.72
C ILE A 119 -5.80 6.77 -24.84
N VAL A 120 -6.79 6.94 -23.97
CA VAL A 120 -7.67 8.11 -24.05
C VAL A 120 -6.97 9.34 -23.49
N PRO A 121 -7.19 10.51 -24.07
CA PRO A 121 -6.60 11.74 -23.52
C PRO A 121 -7.47 12.36 -22.44
N GLY A 122 -6.81 13.00 -21.49
CA GLY A 122 -7.49 13.72 -20.44
C GLY A 122 -7.04 13.38 -19.03
N PRO A 123 -6.74 12.11 -18.75
CA PRO A 123 -6.17 11.77 -17.44
C PRO A 123 -4.73 12.25 -17.33
N SER A 124 -4.26 12.34 -16.08
CA SER A 124 -2.92 12.84 -15.79
C SER A 124 -1.94 11.66 -15.72
N TYR A 125 -1.62 11.12 -16.89
CA TYR A 125 -0.62 10.04 -16.99
C TYR A 125 0.76 10.63 -16.79
N LYS A 126 1.16 10.80 -15.53
CA LYS A 126 2.53 11.22 -15.25
C LYS A 126 2.97 10.62 -13.93
N GLY A 127 4.00 9.78 -13.98
CA GLY A 127 4.43 9.01 -12.84
C GLY A 127 3.62 7.77 -12.60
N LYS A 128 2.54 7.55 -13.36
CA LYS A 128 1.71 6.38 -13.15
C LYS A 128 2.43 5.12 -13.59
N VAL A 129 2.38 4.09 -12.76
CA VAL A 129 2.93 2.79 -13.14
C VAL A 129 1.84 1.91 -13.74
N PHE A 130 0.61 2.02 -13.25
CA PHE A 130 -0.53 1.29 -13.77
C PHE A 130 -1.69 2.25 -14.00
N PHE A 131 -2.39 2.05 -15.11
CA PHE A 131 -3.71 2.64 -15.25
C PHE A 131 -4.62 1.68 -16.01
N GLU A 132 -5.91 1.83 -15.78
CA GLU A 132 -6.92 0.87 -16.24
C GLU A 132 -8.05 1.63 -16.91
N ARG A 133 -8.50 1.13 -18.06
CA ARG A 133 -9.61 1.75 -18.78
C ARG A 133 -10.59 0.70 -19.28
N PRO A 134 -11.86 0.78 -18.90
CA PRO A 134 -12.88 -0.03 -19.58
C PRO A 134 -12.98 0.35 -21.05
N THR A 135 -12.87 -0.66 -21.91
CA THR A 135 -13.03 -0.47 -23.35
C THR A 135 -14.38 -1.05 -23.78
N PHE A 136 -14.73 -0.76 -25.04
CA PHE A 136 -16.04 -1.17 -25.55
C PHE A 136 -16.18 -2.69 -25.54
N ASP A 137 -15.08 -3.42 -25.72
CA ASP A 137 -15.11 -4.87 -25.77
C ASP A 137 -14.49 -5.52 -24.54
N GLY A 138 -14.20 -4.73 -23.50
CA GLY A 138 -13.64 -5.32 -22.28
C GLY A 138 -12.91 -4.34 -21.38
N TYR A 139 -11.83 -4.80 -20.76
CA TYR A 139 -11.07 -4.00 -19.80
C TYR A 139 -9.59 -4.19 -20.07
N VAL A 140 -8.84 -3.09 -20.13
CA VAL A 140 -7.46 -3.09 -20.55
C VAL A 140 -6.61 -2.34 -19.52
N GLY A 141 -5.39 -2.81 -19.34
CA GLY A 141 -4.46 -2.18 -18.42
C GLY A 141 -3.11 -1.92 -19.05
N TRP A 142 -2.51 -0.77 -18.71
CA TRP A 142 -1.17 -0.40 -19.14
C TRP A 142 -0.24 -0.39 -17.94
N GLY A 143 0.96 -0.94 -18.10
CA GLY A 143 1.91 -1.01 -17.02
C GLY A 143 3.28 -0.52 -17.46
N CYS A 144 4.09 -0.20 -16.46
CA CYS A 144 5.48 0.15 -16.63
C CYS A 144 6.34 -0.78 -15.79
N GLY A 145 7.59 -0.97 -16.22
CA GLY A 145 8.49 -1.90 -15.58
C GLY A 145 9.24 -1.28 -14.41
N SER A 146 10.30 -1.97 -14.00
CA SER A 146 11.11 -1.51 -12.89
C SER A 146 11.86 -0.24 -13.28
N GLY A 147 11.84 0.74 -12.37
CA GLY A 147 12.57 1.97 -12.60
C GLY A 147 11.96 2.90 -13.63
N LYS A 148 10.78 2.58 -14.15
CA LYS A 148 10.16 3.37 -15.21
C LYS A 148 8.75 3.79 -14.79
N SER A 149 8.28 4.88 -15.40
CA SER A 149 6.92 5.35 -15.21
C SER A 149 6.48 6.06 -16.48
N ARG A 150 5.18 6.38 -16.53
CA ARG A 150 4.58 6.92 -17.75
C ARG A 150 4.94 8.39 -17.95
N THR A 151 5.22 8.74 -19.21
CA THR A 151 5.36 10.14 -19.58
C THR A 151 3.99 10.80 -19.66
N GLU A 152 4.01 12.14 -19.71
CA GLU A 152 2.82 12.98 -19.61
C GLU A 152 1.67 12.50 -20.49
N SER A 153 1.99 11.94 -21.66
CA SER A 153 0.96 11.49 -22.58
C SER A 153 0.42 10.10 -22.25
N GLY A 154 1.19 9.28 -21.51
CA GLY A 154 0.82 7.90 -21.29
C GLY A 154 1.28 6.94 -22.36
N GLU A 155 1.86 7.44 -23.45
CA GLU A 155 2.25 6.57 -24.55
C GLU A 155 3.50 5.76 -24.22
N LEU A 156 4.40 6.32 -23.41
CA LEU A 156 5.69 5.69 -23.16
C LEU A 156 6.00 5.65 -21.67
N CYS A 157 6.70 4.60 -21.26
CA CYS A 157 7.31 4.50 -19.95
C CYS A 157 8.77 4.95 -20.05
N SER A 158 9.21 5.75 -19.08
CA SER A 158 10.55 6.31 -19.12
C SER A 158 11.15 6.29 -17.72
N SER A 159 12.48 6.36 -17.66
CA SER A 159 13.20 6.22 -16.39
C SER A 159 12.68 7.20 -15.36
N ASP A 160 12.38 6.69 -14.17
CA ASP A 160 11.79 7.47 -13.08
C ASP A 160 12.48 7.00 -11.79
N SER A 161 13.49 7.76 -11.35
CA SER A 161 14.27 7.33 -10.20
C SER A 161 13.47 7.34 -8.90
N GLY A 162 12.33 8.03 -8.86
CA GLY A 162 11.47 7.97 -7.70
C GLY A 162 10.70 6.68 -7.57
N THR A 163 10.80 5.80 -8.58
CA THR A 163 10.17 4.48 -8.54
C THR A 163 11.21 3.39 -8.33
N SER A 164 12.37 3.73 -7.77
CA SER A 164 13.47 2.79 -7.71
C SER A 164 13.38 1.84 -6.53
N SER A 165 12.73 2.27 -5.44
CA SER A 165 12.69 1.42 -4.25
C SER A 165 11.84 0.17 -4.47
N GLY A 166 10.87 0.24 -5.38
CA GLY A 166 9.96 -0.87 -5.60
C GLY A 166 8.85 -0.98 -4.59
N LEU A 167 8.76 -0.07 -3.63
CA LEU A 167 7.66 0.00 -2.67
C LEU A 167 7.02 1.37 -2.89
N LEU A 168 6.06 1.43 -3.80
CA LEU A 168 5.56 2.66 -4.40
C LEU A 168 4.19 3.04 -3.83
N PRO A 169 3.85 4.32 -3.83
CA PRO A 169 2.59 4.77 -3.24
C PRO A 169 1.40 4.43 -4.13
N SER A 170 0.21 4.58 -3.54
CA SER A 170 -1.02 4.24 -4.25
C SER A 170 -1.34 5.21 -5.38
N ASP A 171 -0.89 6.46 -5.28
CA ASP A 171 -1.20 7.43 -6.32
C ASP A 171 -0.47 7.12 -7.63
N ARG A 172 0.39 6.12 -7.65
CA ARG A 172 0.98 5.62 -8.88
C ARG A 172 -0.03 4.82 -9.72
N VAL A 173 -1.20 4.50 -9.16
CA VAL A 173 -2.24 3.76 -9.85
C VAL A 173 -3.31 4.74 -10.31
N LEU A 174 -3.88 4.49 -11.49
CA LEU A 174 -4.91 5.36 -12.07
C LEU A 174 -6.06 4.50 -12.57
N TRP A 175 -7.22 4.61 -11.92
CA TRP A 175 -8.43 3.91 -12.37
C TRP A 175 -9.35 4.90 -13.07
N ILE A 176 -9.61 4.65 -14.35
CA ILE A 176 -10.32 5.60 -15.20
C ILE A 176 -11.81 5.29 -15.14
N GLY A 177 -12.59 6.28 -14.74
CA GLY A 177 -14.04 6.20 -14.81
C GLY A 177 -14.67 5.81 -13.48
N ASP A 178 -15.94 6.19 -13.33
CA ASP A 178 -16.73 5.84 -12.15
C ASP A 178 -17.41 4.50 -12.40
N VAL A 179 -16.66 3.43 -12.15
CA VAL A 179 -17.08 2.08 -12.49
C VAL A 179 -17.37 1.30 -11.21
N ALA A 180 -18.29 0.35 -11.31
CA ALA A 180 -18.61 -0.53 -10.19
C ALA A 180 -19.05 -1.88 -10.73
N CYS A 181 -18.34 -2.94 -10.36
CA CYS A 181 -18.61 -4.28 -10.85
C CYS A 181 -19.23 -5.14 -9.75
N GLN A 182 -19.96 -6.17 -10.18
CA GLN A 182 -20.71 -7.00 -9.25
C GLN A 182 -21.02 -8.33 -9.95
N LEU A 183 -21.82 -9.16 -9.27
CA LEU A 183 -22.31 -10.40 -9.86
C LEU A 183 -23.53 -10.11 -10.71
N MET A 184 -23.40 -10.34 -12.02
CA MET A 184 -24.50 -10.14 -12.94
C MET A 184 -25.59 -11.19 -12.73
N THR A 185 -26.77 -10.90 -13.27
CA THR A 185 -27.72 -11.93 -13.60
C THR A 185 -27.65 -12.18 -15.11
N PRO A 186 -27.26 -13.36 -15.55
CA PRO A 186 -27.06 -13.58 -17.00
C PRO A 186 -28.33 -13.33 -17.80
N ILE A 187 -28.13 -12.86 -19.03
CA ILE A 187 -29.25 -12.55 -19.92
C ILE A 187 -29.13 -13.38 -21.19
N PRO A 188 -30.24 -13.80 -21.79
CA PRO A 188 -30.16 -14.53 -23.05
C PRO A 188 -29.82 -13.62 -24.21
N GLU A 189 -29.25 -14.22 -25.26
CA GLU A 189 -28.75 -13.45 -26.39
C GLU A 189 -29.86 -12.62 -27.05
N GLU A 190 -31.09 -13.13 -27.04
CA GLU A 190 -32.19 -12.36 -27.61
C GLU A 190 -32.35 -11.02 -26.91
N THR A 191 -32.12 -10.99 -25.59
CA THR A 191 -32.16 -9.74 -24.85
C THR A 191 -30.97 -8.85 -25.21
N PHE A 192 -29.79 -9.45 -25.40
CA PHE A 192 -28.61 -8.67 -25.78
C PHE A 192 -28.80 -8.00 -27.13
N LEU A 193 -29.39 -8.73 -28.10
CA LEU A 193 -29.62 -8.14 -29.42
C LEU A 193 -30.64 -7.00 -29.36
N GLU A 194 -31.69 -7.16 -28.56
CA GLU A 194 -32.63 -6.05 -28.34
C GLU A 194 -31.88 -4.83 -27.82
N LEU A 195 -31.08 -5.03 -26.77
CA LEU A 195 -30.36 -3.92 -26.15
C LEU A 195 -29.28 -3.37 -27.07
N LYS A 196 -28.72 -4.20 -27.95
CA LYS A 196 -27.62 -3.71 -28.83
C LYS A 196 -28.23 -2.79 -29.87
N SER A 197 -29.37 -3.18 -30.43
CA SER A 197 -29.97 -2.34 -31.45
C SER A 197 -30.41 -0.99 -30.89
N PHE A 198 -31.01 -1.00 -29.70
CA PHE A 198 -31.50 0.25 -29.11
C PHE A 198 -30.36 1.25 -28.92
N SER A 199 -29.19 0.76 -28.50
CA SER A 199 -28.02 1.61 -28.39
C SER A 199 -27.59 2.15 -29.75
N GLN A 200 -27.63 1.30 -30.78
CA GLN A 200 -27.29 1.75 -32.13
C GLN A 200 -28.23 2.85 -32.59
N SER A 201 -29.52 2.72 -32.30
CA SER A 201 -30.47 3.77 -32.65
C SER A 201 -30.20 5.04 -31.87
N GLU A 202 -29.80 4.92 -30.60
CA GLU A 202 -29.60 6.09 -29.75
C GLU A 202 -28.33 6.85 -30.10
N PHE A 203 -27.33 6.17 -30.68
CA PHE A 203 -26.08 6.81 -31.09
C PHE A 203 -25.83 6.48 -32.56
N PRO A 204 -26.67 7.02 -33.46
CA PRO A 204 -26.48 6.70 -34.89
C PRO A 204 -25.24 7.33 -35.50
N ASP A 205 -24.69 8.37 -34.87
CA ASP A 205 -23.49 9.03 -35.41
C ASP A 205 -22.28 8.13 -35.33
N ILE A 206 -22.15 7.36 -34.25
CA ILE A 206 -20.91 6.64 -33.96
C ILE A 206 -20.68 5.53 -34.98
N CYS A 207 -19.42 5.37 -35.39
CA CYS A 207 -19.02 4.31 -36.31
C CYS A 207 -18.29 3.18 -35.59
N LYS A 208 -17.23 3.50 -34.86
CA LYS A 208 -16.48 2.53 -34.08
C LYS A 208 -16.26 3.08 -32.68
N ILE A 209 -16.22 2.17 -31.71
CA ILE A 209 -15.85 2.50 -30.34
C ILE A 209 -14.74 1.56 -29.93
N ASP A 210 -13.56 2.11 -29.63
CA ASP A 210 -12.37 1.33 -29.30
C ASP A 210 -12.03 0.35 -30.41
N GLY A 211 -12.18 0.79 -31.66
CA GLY A 211 -11.85 -0.03 -32.81
C GLY A 211 -12.91 -1.04 -33.20
N ILE A 212 -13.88 -1.31 -32.33
CA ILE A 212 -14.90 -2.29 -32.62
C ILE A 212 -16.03 -1.62 -33.40
N VAL A 213 -16.45 -2.28 -34.50
CA VAL A 213 -17.51 -1.73 -35.32
C VAL A 213 -18.80 -1.64 -34.51
N PHE A 214 -19.43 -0.48 -34.54
CA PHE A 214 -20.67 -0.23 -33.80
C PHE A 214 -21.86 -0.04 -34.74
N ASN A 215 -21.77 0.92 -35.65
CA ASN A 215 -22.66 1.06 -36.79
C ASN A 215 -21.87 0.84 -38.07
N GLN A 216 -22.59 0.72 -39.18
CA GLN A 216 -21.96 0.66 -40.49
C GLN A 216 -21.98 2.07 -41.09
N CYS A 217 -20.79 2.62 -41.37
CA CYS A 217 -20.65 4.03 -41.75
C CYS A 217 -20.13 4.21 -43.16
N GLU A 218 -18.98 3.61 -43.48
CA GLU A 218 -18.20 3.77 -44.71
C GLU A 218 -17.44 5.09 -44.78
N GLY A 219 -17.80 6.04 -43.92
CA GLY A 219 -16.99 7.24 -43.75
C GLY A 219 -16.87 7.57 -42.28
N GLU A 220 -15.67 7.48 -41.70
CA GLU A 220 -15.51 7.62 -40.27
C GLU A 220 -14.50 8.72 -39.97
N SER A 221 -14.85 9.60 -39.03
CA SER A 221 -13.90 10.58 -38.54
C SER A 221 -12.77 9.88 -37.82
N LEU A 222 -11.68 10.62 -37.56
CA LEU A 222 -10.58 10.06 -36.81
C LEU A 222 -11.01 9.81 -35.37
N PRO A 223 -10.32 8.91 -34.66
CA PRO A 223 -10.71 8.60 -33.28
C PRO A 223 -10.78 9.84 -32.39
N GLN A 224 -11.81 9.88 -31.56
CA GLN A 224 -12.14 11.05 -30.74
C GLN A 224 -12.58 10.61 -29.36
N PRO A 225 -12.29 11.40 -28.33
CA PRO A 225 -12.78 11.06 -26.99
C PRO A 225 -14.31 11.00 -26.92
N PHE A 226 -14.81 10.09 -26.09
CA PHE A 226 -16.24 9.83 -25.98
C PHE A 226 -16.56 9.51 -24.52
N ASP A 227 -17.39 10.35 -23.91
CA ASP A 227 -17.87 10.13 -22.54
C ASP A 227 -19.28 9.56 -22.60
N VAL A 228 -19.49 8.40 -21.98
CA VAL A 228 -20.75 7.68 -22.14
C VAL A 228 -20.97 6.79 -20.93
N ALA A 229 -22.24 6.60 -20.56
CA ALA A 229 -22.61 5.57 -19.61
C ALA A 229 -22.78 4.24 -20.33
N TRP A 230 -22.39 3.16 -19.67
CA TRP A 230 -22.40 1.85 -20.28
C TRP A 230 -22.77 0.80 -19.26
N MET A 231 -22.92 -0.44 -19.72
CA MET A 231 -23.11 -1.56 -18.82
C MET A 231 -22.57 -2.84 -19.46
N ASP A 232 -21.89 -3.65 -18.64
CA ASP A 232 -21.42 -4.96 -19.03
C ASP A 232 -22.53 -5.98 -18.77
N VAL A 233 -23.00 -6.63 -19.82
CA VAL A 233 -24.10 -7.59 -19.70
C VAL A 233 -23.64 -9.01 -19.94
N GLY A 234 -22.33 -9.25 -19.95
CA GLY A 234 -21.84 -10.61 -20.09
C GLY A 234 -21.77 -11.15 -21.50
N HIS A 235 -21.79 -10.28 -22.50
CA HIS A 235 -21.72 -10.68 -23.90
C HIS A 235 -20.51 -10.02 -24.55
N SER A 236 -20.44 -10.14 -25.88
CA SER A 236 -19.27 -9.69 -26.64
C SER A 236 -18.82 -8.29 -26.26
N HIS A 237 -19.69 -7.29 -26.44
CA HIS A 237 -19.34 -5.90 -26.21
C HIS A 237 -20.32 -5.25 -25.24
N LYS A 238 -19.85 -4.21 -24.57
CA LYS A 238 -20.71 -3.44 -23.69
C LYS A 238 -21.81 -2.76 -24.49
N ILE A 239 -22.84 -2.31 -23.79
CA ILE A 239 -23.94 -1.57 -24.38
C ILE A 239 -23.91 -0.17 -23.80
N ILE A 240 -23.80 0.83 -24.68
CA ILE A 240 -23.72 2.22 -24.25
C ILE A 240 -25.13 2.80 -24.24
N MET A 241 -25.34 3.76 -23.33
CA MET A 241 -26.66 4.34 -23.10
C MET A 241 -26.57 5.85 -23.02
N ARG A 242 -27.65 6.51 -23.47
CA ARG A 242 -27.91 7.91 -23.16
C ARG A 242 -29.00 8.04 -22.08
N GLU A 243 -30.19 7.52 -22.36
CA GLU A 243 -31.33 7.65 -21.46
C GLU A 243 -31.50 6.34 -20.70
N HIS A 244 -31.12 6.36 -19.43
CA HIS A 244 -31.25 5.19 -18.56
C HIS A 244 -31.58 5.66 -17.16
N LYS A 245 -32.01 4.72 -16.32
CA LYS A 245 -32.22 4.98 -14.90
C LYS A 245 -31.62 3.84 -14.10
N THR A 246 -31.34 4.11 -12.83
CA THR A 246 -30.69 3.13 -11.96
C THR A 246 -31.42 3.05 -10.63
N LYS A 247 -31.26 1.91 -9.96
CA LYS A 247 -31.86 1.69 -8.64
C LYS A 247 -30.99 0.71 -7.88
N TRP A 248 -30.57 1.09 -6.67
CA TRP A 248 -29.62 0.30 -5.89
C TRP A 248 -30.39 -0.59 -4.91
N VAL A 249 -30.79 -1.76 -5.40
CA VAL A 249 -31.49 -2.72 -4.55
C VAL A 249 -30.52 -3.36 -3.56
N GLN A 250 -31.04 -3.70 -2.38
CA GLN A 250 -30.32 -4.52 -1.42
C GLN A 250 -30.76 -5.96 -1.59
N GLU A 251 -29.86 -6.82 -2.09
CA GLU A 251 -30.13 -8.27 -2.26
C GLU A 251 -29.05 -9.03 -1.51
N SER A 252 -29.42 -9.75 -0.46
CA SER A 252 -28.45 -10.42 0.40
C SER A 252 -27.78 -11.58 -0.33
N SER A 253 -26.47 -11.68 -0.13
CA SER A 253 -25.67 -12.77 -0.66
C SER A 253 -24.50 -12.99 0.28
N SER A 254 -23.79 -14.10 0.07
CA SER A 254 -22.62 -14.38 0.90
C SER A 254 -21.55 -13.31 0.71
N LYS A 255 -21.39 -12.81 -0.51
CA LYS A 255 -20.33 -11.85 -0.81
C LYS A 255 -20.66 -10.44 -0.31
N ASP A 256 -21.86 -10.22 0.22
CA ASP A 256 -22.16 -9.00 0.96
C ASP A 256 -21.37 -8.90 2.25
N PHE A 257 -20.72 -9.97 2.69
CA PHE A 257 -20.13 -10.05 4.02
C PHE A 257 -18.67 -10.47 3.94
N VAL A 258 -17.84 -9.83 4.76
CA VAL A 258 -16.46 -10.25 4.98
C VAL A 258 -16.32 -10.62 6.45
N CYS A 259 -15.44 -11.58 6.73
CA CYS A 259 -15.23 -12.07 8.08
C CYS A 259 -13.79 -11.84 8.48
N TYR A 260 -13.58 -11.36 9.71
CA TYR A 260 -12.28 -10.85 10.13
C TYR A 260 -12.02 -11.21 11.58
N LYS A 261 -10.74 -11.24 11.94
CA LYS A 261 -10.30 -11.34 13.32
C LYS A 261 -9.64 -10.03 13.71
N GLU A 262 -10.09 -9.44 14.81
CA GLU A 262 -9.67 -8.10 15.19
C GLU A 262 -8.24 -8.06 15.71
N GLY A 263 -7.28 -8.20 14.78
CA GLY A 263 -5.86 -8.18 15.09
C GLY A 263 -5.06 -9.22 14.33
N THR A 264 -5.70 -10.35 14.00
CA THR A 264 -5.08 -11.29 13.07
C THR A 264 -5.35 -10.90 11.63
N GLY A 265 -6.51 -10.31 11.37
CA GLY A 265 -6.87 -9.89 10.04
C GLY A 265 -7.95 -10.77 9.46
N PRO A 266 -7.95 -10.92 8.14
CA PRO A 266 -8.99 -11.73 7.48
C PRO A 266 -8.90 -13.18 7.92
N CYS A 267 -10.07 -13.82 8.02
CA CYS A 267 -10.14 -15.23 8.40
C CYS A 267 -9.87 -16.11 7.19
N SER A 268 -9.78 -17.41 7.44
CA SER A 268 -9.47 -18.38 6.40
C SER A 268 -10.76 -18.89 5.75
N GLU A 269 -10.59 -19.65 4.66
CA GLU A 269 -11.76 -20.17 3.93
C GLU A 269 -12.60 -21.07 4.82
N SER A 270 -11.95 -22.05 5.49
CA SER A 270 -12.70 -23.00 6.31
C SER A 270 -13.43 -22.28 7.44
N GLU A 271 -12.80 -21.29 8.05
CA GLU A 271 -13.46 -20.49 9.08
C GLU A 271 -14.61 -19.68 8.49
N GLU A 272 -14.35 -18.95 7.39
CA GLU A 272 -15.39 -18.11 6.81
C GLU A 272 -16.53 -18.96 6.26
N LYS A 273 -16.21 -20.11 5.67
CA LYS A 273 -17.28 -21.03 5.26
C LYS A 273 -18.10 -21.46 6.47
N ALA A 274 -17.42 -21.81 7.56
CA ALA A 274 -18.13 -22.18 8.79
C ALA A 274 -18.98 -21.02 9.30
N CYS A 275 -18.55 -19.78 9.08
CA CYS A 275 -19.33 -18.63 9.50
C CYS A 275 -20.60 -18.49 8.67
N LYS A 276 -20.47 -18.58 7.35
CA LYS A 276 -21.56 -18.24 6.44
C LYS A 276 -22.50 -19.40 6.14
N THR A 277 -22.16 -20.63 6.56
CA THR A 277 -23.03 -21.77 6.27
C THR A 277 -23.39 -22.58 7.50
N SER A 278 -22.91 -22.20 8.68
CA SER A 278 -23.09 -23.01 9.87
C SER A 278 -23.54 -22.22 11.10
N GLY A 279 -23.68 -20.91 10.99
CA GLY A 279 -24.14 -20.10 12.12
C GLY A 279 -23.30 -20.25 13.37
N SER A 280 -22.00 -20.49 13.20
CA SER A 280 -21.10 -20.77 14.31
C SER A 280 -20.29 -19.56 14.75
N CYS A 281 -20.30 -18.47 13.98
CA CYS A 281 -19.49 -17.30 14.25
C CYS A 281 -20.33 -16.17 14.86
N ARG A 282 -19.76 -14.98 14.91
CA ARG A 282 -20.43 -13.79 15.37
C ARG A 282 -20.45 -12.75 14.24
N GLY A 283 -21.17 -11.67 14.48
CA GLY A 283 -21.26 -10.60 13.49
C GLY A 283 -22.38 -9.65 13.79
N ASP A 284 -22.50 -8.65 12.93
CA ASP A 284 -23.50 -7.60 13.09
C ASP A 284 -24.90 -8.14 12.78
N MET A 285 -25.90 -7.27 12.95
CA MET A 285 -27.29 -7.69 12.93
C MET A 285 -27.65 -8.37 11.61
N GLN A 286 -27.32 -7.73 10.48
CA GLN A 286 -27.75 -8.25 9.18
C GLN A 286 -27.16 -9.63 8.91
N PHE A 287 -25.89 -9.85 9.30
CA PHE A 287 -25.29 -11.16 9.13
C PHE A 287 -25.98 -12.21 9.96
N CYS A 288 -26.33 -11.89 11.21
CA CYS A 288 -26.99 -12.86 12.08
C CYS A 288 -28.37 -13.20 11.56
N LYS A 289 -29.05 -12.25 10.92
CA LYS A 289 -30.31 -12.50 10.26
C LYS A 289 -30.12 -13.08 8.86
N VAL A 290 -28.93 -13.61 8.57
CA VAL A 290 -28.68 -14.32 7.32
C VAL A 290 -28.14 -15.71 7.63
N ALA A 291 -27.17 -15.80 8.55
CA ALA A 291 -26.42 -17.03 8.76
C ALA A 291 -26.48 -17.57 10.18
N GLY A 292 -26.49 -16.71 11.19
CA GLY A 292 -26.53 -17.20 12.55
C GLY A 292 -25.30 -16.78 13.35
N CYS A 293 -25.52 -16.51 14.62
CA CYS A 293 -24.48 -15.94 15.47
C CYS A 293 -24.56 -16.57 16.85
N GLU A 294 -23.86 -15.97 17.82
CA GLU A 294 -23.94 -16.34 19.23
C GLU A 294 -23.22 -15.29 20.06
N HIS A 295 -23.62 -15.18 21.33
CA HIS A 295 -22.94 -14.31 22.28
C HIS A 295 -23.00 -14.98 23.64
N GLY A 296 -22.53 -14.25 24.67
CA GLY A 296 -22.57 -14.78 26.02
C GLY A 296 -21.65 -15.94 26.28
N GLU A 297 -20.61 -16.12 25.47
CA GLU A 297 -19.60 -17.13 25.73
C GLU A 297 -18.20 -16.55 25.76
N GLU A 298 -17.91 -15.58 24.88
CA GLU A 298 -16.56 -15.04 24.71
C GLU A 298 -16.04 -14.46 26.02
N THR A 299 -15.00 -15.07 26.59
CA THR A 299 -14.47 -14.58 27.87
C THR A 299 -13.35 -13.56 27.60
N SER A 300 -12.24 -14.02 27.03
CA SER A 300 -11.32 -13.13 26.34
C SER A 300 -11.16 -13.55 24.89
N GLU A 301 -10.59 -14.73 24.65
CA GLU A 301 -10.60 -15.52 23.42
C GLU A 301 -10.40 -14.69 22.15
N ALA A 302 -10.81 -15.25 21.01
CA ALA A 302 -10.98 -14.54 19.74
C ALA A 302 -11.77 -15.42 18.77
N LYS A 303 -12.82 -14.87 18.15
CA LYS A 303 -13.57 -15.60 17.15
C LYS A 303 -13.93 -14.66 15.99
N CYS A 304 -14.03 -15.23 14.80
CA CYS A 304 -14.25 -14.43 13.59
C CYS A 304 -15.58 -13.69 13.68
N ARG A 305 -15.55 -12.40 13.35
CA ARG A 305 -16.74 -11.58 13.21
C ARG A 305 -16.95 -11.26 11.73
N CYS A 306 -18.21 -11.24 11.31
CA CYS A 306 -18.55 -10.97 9.91
C CYS A 306 -19.44 -9.74 9.85
N SER A 307 -19.06 -8.78 9.01
CA SER A 307 -19.78 -7.52 8.88
C SER A 307 -20.15 -7.27 7.43
N LEU A 308 -21.21 -6.48 7.24
CA LEU A 308 -21.65 -6.11 5.91
C LEU A 308 -20.67 -5.12 5.28
N VAL A 309 -20.36 -5.34 4.00
CA VAL A 309 -19.51 -4.40 3.28
C VAL A 309 -20.31 -3.16 2.91
N HIS A 310 -19.60 -2.06 2.70
CA HIS A 310 -20.23 -0.74 2.59
C HIS A 310 -20.49 -0.41 1.11
N LYS A 311 -21.71 -0.69 0.67
CA LYS A 311 -22.18 -0.35 -0.66
C LYS A 311 -23.66 -0.07 -0.58
N PRO A 312 -24.20 0.73 -1.51
CA PRO A 312 -25.67 0.89 -1.55
C PRO A 312 -26.42 -0.40 -1.83
N GLY A 313 -25.80 -1.32 -2.56
CA GLY A 313 -26.37 -2.61 -2.87
C GLY A 313 -25.98 -3.04 -4.27
N GLU A 314 -26.79 -3.93 -4.84
CA GLU A 314 -26.56 -4.39 -6.23
C GLU A 314 -27.30 -3.43 -7.14
N VAL A 315 -26.67 -3.00 -8.20
CA VAL A 315 -27.25 -1.99 -9.10
C VAL A 315 -28.07 -2.67 -10.18
N VAL A 316 -29.25 -2.13 -10.44
CA VAL A 316 -30.14 -2.59 -11.50
C VAL A 316 -30.49 -1.39 -12.37
N VAL A 317 -30.30 -1.54 -13.68
CA VAL A 317 -30.46 -0.44 -14.62
C VAL A 317 -31.64 -0.74 -15.54
N SER A 318 -32.39 0.30 -15.87
CA SER A 318 -33.51 0.21 -16.80
C SER A 318 -33.15 0.93 -18.09
N TYR A 319 -33.32 0.23 -19.20
CA TYR A 319 -32.92 0.78 -20.50
C TYR A 319 -33.60 -0.03 -21.60
N GLY A 320 -34.08 0.69 -22.62
CA GLY A 320 -34.78 0.03 -23.72
C GLY A 320 -35.99 -0.76 -23.30
N GLY A 321 -36.72 -0.28 -22.30
CA GLY A 321 -37.93 -0.93 -21.84
C GLY A 321 -37.65 -2.09 -20.91
N MET A 322 -36.41 -2.57 -20.92
CA MET A 322 -36.01 -3.74 -20.16
C MET A 322 -35.16 -3.34 -18.95
N ARG A 323 -34.97 -4.31 -18.05
CA ARG A 323 -34.33 -4.07 -16.76
C ARG A 323 -33.33 -5.19 -16.51
N VAL A 324 -32.07 -4.84 -16.36
CA VAL A 324 -30.98 -5.81 -16.34
C VAL A 324 -30.12 -5.60 -15.10
N ARG A 325 -29.58 -6.70 -14.53
CA ARG A 325 -28.57 -6.63 -13.45
C ARG A 325 -27.21 -6.90 -14.11
N PRO A 326 -26.37 -5.87 -14.35
CA PRO A 326 -25.14 -6.02 -15.14
C PRO A 326 -23.97 -6.54 -14.30
N LYS A 327 -22.93 -6.97 -15.03
CA LYS A 327 -21.68 -7.32 -14.37
C LYS A 327 -20.97 -6.06 -13.88
N CYS A 328 -20.79 -5.07 -14.76
CA CYS A 328 -20.23 -3.78 -14.41
C CYS A 328 -21.09 -2.68 -15.02
N TYR A 329 -21.10 -1.53 -14.35
CA TYR A 329 -21.83 -0.37 -14.84
C TYR A 329 -21.09 0.89 -14.41
N GLY A 330 -20.98 1.86 -15.32
CA GLY A 330 -20.32 3.08 -14.95
C GLY A 330 -20.34 4.10 -16.08
N PHE A 331 -19.66 5.21 -15.82
CA PHE A 331 -19.50 6.31 -16.79
C PHE A 331 -18.01 6.56 -16.94
N SER A 332 -17.42 6.10 -18.03
CA SER A 332 -16.00 6.26 -18.29
C SER A 332 -15.80 6.87 -19.68
N ARG A 333 -14.54 7.01 -20.09
CA ARG A 333 -14.20 7.64 -21.35
C ARG A 333 -13.65 6.59 -22.31
N MET A 334 -14.36 6.38 -23.42
CA MET A 334 -13.92 5.53 -24.51
C MET A 334 -13.58 6.40 -25.72
N MET A 335 -13.09 5.74 -26.78
CA MET A 335 -12.66 6.42 -27.99
C MET A 335 -13.58 6.02 -29.14
N ALA A 336 -14.26 6.99 -29.74
CA ALA A 336 -15.25 6.73 -30.76
C ALA A 336 -14.97 7.54 -32.02
N THR A 337 -15.32 6.96 -33.17
CA THR A 337 -15.25 7.64 -34.45
C THR A 337 -16.66 7.95 -34.93
N LEU A 338 -16.88 9.17 -35.41
CA LEU A 338 -18.20 9.64 -35.78
C LEU A 338 -18.38 9.63 -37.30
N HIS A 339 -19.62 9.86 -37.73
CA HIS A 339 -19.97 9.86 -39.14
C HIS A 339 -19.36 11.08 -39.84
N HIS A 340 -19.21 10.95 -41.16
CA HIS A 340 -18.75 12.05 -42.02
C HIS A 340 -19.89 12.38 -42.99
N HIS A 341 -20.66 13.41 -42.67
CA HIS A 341 -21.78 13.82 -43.50
C HIS A 341 -21.32 14.69 -44.66
N GLN B 1 29.03 -0.12 -1.34
CA GLN B 1 28.49 0.68 -2.44
C GLN B 1 27.62 1.82 -1.93
N VAL B 2 26.74 1.52 -0.99
CA VAL B 2 25.76 2.48 -0.48
C VAL B 2 26.34 3.11 0.78
N GLN B 3 26.80 4.36 0.66
CA GLN B 3 27.45 5.07 1.75
C GLN B 3 26.75 6.39 2.05
N LEU B 4 27.03 6.93 3.23
CA LEU B 4 26.42 8.18 3.72
C LEU B 4 27.49 8.95 4.48
N VAL B 5 27.85 10.13 3.98
CA VAL B 5 28.96 10.91 4.52
C VAL B 5 28.37 12.13 5.20
N GLU B 6 28.24 12.08 6.52
CA GLU B 6 27.70 13.19 7.29
C GLU B 6 28.73 14.31 7.44
N SER B 7 28.24 15.53 7.65
CA SER B 7 29.08 16.69 7.90
C SER B 7 28.25 17.77 8.58
N GLY B 8 28.95 18.71 9.22
CA GLY B 8 28.32 19.88 9.80
C GLY B 8 28.41 20.00 11.32
N GLY B 9 28.82 18.96 12.03
CA GLY B 9 28.82 19.00 13.48
C GLY B 9 29.85 19.96 14.04
N GLY B 10 29.69 20.28 15.32
CA GLY B 10 30.61 21.18 15.97
C GLY B 10 30.07 21.61 17.32
N VAL B 11 30.65 22.68 17.84
CA VAL B 11 30.32 23.19 19.17
C VAL B 11 29.46 24.44 18.99
N VAL B 12 28.17 24.32 19.29
CA VAL B 12 27.27 25.46 19.26
C VAL B 12 26.63 25.61 20.63
N GLN B 13 26.25 26.85 20.95
CA GLN B 13 25.73 27.20 22.27
C GLN B 13 24.21 27.22 22.28
N PRO B 14 23.59 27.14 23.46
CA PRO B 14 22.12 27.10 23.52
C PRO B 14 21.47 28.28 22.80
N GLY B 15 20.44 27.98 22.01
CA GLY B 15 19.76 29.00 21.24
C GLY B 15 20.37 29.32 19.90
N ARG B 16 21.40 28.61 19.47
CA ARG B 16 22.01 28.81 18.16
C ARG B 16 21.48 27.76 17.18
N SER B 17 21.86 27.91 15.92
CA SER B 17 21.32 27.07 14.84
C SER B 17 22.46 26.43 14.06
N LEU B 18 22.53 25.11 14.09
CA LEU B 18 23.47 24.34 13.30
C LEU B 18 22.77 23.73 12.09
N ARG B 19 23.56 23.32 11.10
CA ARG B 19 23.06 22.64 9.92
C ARG B 19 23.90 21.40 9.65
N LEU B 20 23.24 20.28 9.42
CA LEU B 20 23.87 19.00 9.16
C LEU B 20 23.53 18.53 7.75
N SER B 21 24.48 17.85 7.10
CA SER B 21 24.27 17.37 5.74
C SER B 21 24.77 15.94 5.62
N CYS B 22 24.12 15.18 4.74
CA CYS B 22 24.37 13.75 4.59
C CYS B 22 24.45 13.43 3.09
N ALA B 23 25.66 13.28 2.57
CA ALA B 23 25.84 13.00 1.15
C ALA B 23 25.70 11.51 0.89
N ALA B 24 24.81 11.15 -0.04
CA ALA B 24 24.46 9.77 -0.32
C ALA B 24 25.04 9.34 -1.66
N SER B 25 25.66 8.16 -1.68
CA SER B 25 26.29 7.62 -2.87
C SER B 25 25.91 6.15 -3.05
N GLY B 26 26.01 5.69 -4.29
CA GLY B 26 25.88 4.29 -4.61
C GLY B 26 24.47 3.78 -4.84
N PHE B 27 23.45 4.62 -4.68
CA PHE B 27 22.08 4.18 -4.91
C PHE B 27 21.24 5.36 -5.40
N THR B 28 20.09 5.04 -5.98
CA THR B 28 19.20 6.07 -6.50
C THR B 28 18.54 6.80 -5.33
N PHE B 29 19.19 7.87 -4.87
CA PHE B 29 18.78 8.59 -3.68
C PHE B 29 17.34 9.07 -3.76
N SER B 30 16.91 9.53 -4.94
CA SER B 30 15.61 10.16 -5.08
C SER B 30 14.44 9.21 -4.89
N GLY B 31 14.68 7.90 -4.86
CA GLY B 31 13.61 6.93 -4.74
C GLY B 31 13.42 6.34 -3.36
N PHE B 32 14.16 6.80 -2.36
CA PHE B 32 14.11 6.23 -1.02
C PHE B 32 13.89 7.32 0.00
N GLY B 33 13.04 7.01 0.99
CA GLY B 33 12.91 7.88 2.14
C GLY B 33 14.15 7.85 3.00
N MET B 34 14.36 8.93 3.75
CA MET B 34 15.54 9.07 4.59
C MET B 34 15.12 9.45 6.00
N HIS B 35 15.99 9.19 6.96
CA HIS B 35 15.72 9.44 8.36
C HIS B 35 16.86 10.25 8.97
N TRP B 36 16.67 10.65 10.23
CA TRP B 36 17.75 11.14 11.08
C TRP B 36 17.53 10.55 12.47
N VAL B 37 18.51 9.80 12.96
CA VAL B 37 18.43 9.17 14.27
C VAL B 37 19.60 9.65 15.11
N ARG B 38 19.33 10.05 16.35
CA ARG B 38 20.35 10.59 17.24
C ARG B 38 20.46 9.75 18.50
N GLN B 39 21.63 9.85 19.15
CA GLN B 39 21.88 9.15 20.40
C GLN B 39 22.67 10.06 21.32
N ALA B 40 22.05 10.46 22.43
CA ALA B 40 22.70 11.29 23.43
C ALA B 40 23.69 10.46 24.25
N PRO B 41 24.67 11.10 24.89
CA PRO B 41 25.61 10.36 25.72
C PRO B 41 24.91 9.60 26.83
N GLY B 42 25.28 8.33 26.99
CA GLY B 42 24.74 7.49 28.04
C GLY B 42 23.29 7.09 27.87
N LYS B 43 22.69 7.33 26.71
CA LYS B 43 21.28 7.05 26.49
C LYS B 43 21.10 6.23 25.22
N GLY B 44 19.88 5.78 24.99
CA GLY B 44 19.56 4.95 23.85
C GLY B 44 19.37 5.75 22.57
N LEU B 45 18.93 5.04 21.54
CA LEU B 45 18.64 5.66 20.26
C LEU B 45 17.33 6.43 20.31
N GLU B 46 17.24 7.47 19.48
CA GLU B 46 16.04 8.30 19.44
C GLU B 46 15.86 8.81 18.02
N TRP B 47 14.81 8.32 17.35
CA TRP B 47 14.51 8.80 16.01
C TRP B 47 14.10 10.27 16.05
N VAL B 48 14.60 11.04 15.09
CA VAL B 48 14.40 12.49 15.05
C VAL B 48 13.41 12.89 13.98
N ALA B 49 13.69 12.58 12.72
CA ALA B 49 12.86 13.05 11.63
C ALA B 49 12.98 12.11 10.44
N LEU B 50 12.02 12.22 9.52
CA LEU B 50 12.05 11.45 8.29
C LEU B 50 11.55 12.31 7.14
N ILE B 51 12.00 11.97 5.93
CA ILE B 51 11.61 12.66 4.71
C ILE B 51 11.28 11.61 3.65
N SER B 52 10.29 11.90 2.82
CA SER B 52 9.92 10.99 1.75
C SER B 52 10.84 11.21 0.54
N TYR B 53 10.74 10.28 -0.41
CA TYR B 53 11.57 10.32 -1.61
C TYR B 53 11.41 11.64 -2.35
N ASP B 54 10.20 12.19 -2.35
CA ASP B 54 9.90 13.44 -3.04
C ASP B 54 10.27 14.67 -2.20
N GLY B 55 10.39 14.50 -0.88
CA GLY B 55 10.41 15.63 0.01
C GLY B 55 9.03 16.12 0.40
N SER B 56 7.98 15.53 -0.17
CA SER B 56 6.63 16.01 0.07
C SER B 56 6.09 15.61 1.44
N ASP B 57 6.61 14.52 2.01
CA ASP B 57 6.15 14.03 3.32
C ASP B 57 7.30 14.13 4.31
N THR B 58 7.08 14.88 5.39
CA THR B 58 8.02 14.97 6.49
C THR B 58 7.31 14.58 7.78
N TYR B 59 8.08 14.00 8.70
CA TYR B 59 7.56 13.66 10.02
C TYR B 59 8.67 13.85 11.05
N TYR B 60 8.28 14.30 12.24
CA TYR B 60 9.24 14.65 13.28
C TYR B 60 8.82 14.06 14.61
N SER B 61 9.79 13.85 15.48
CA SER B 61 9.49 13.47 16.86
C SER B 61 8.96 14.69 17.62
N ASP B 62 8.35 14.42 18.77
CA ASP B 62 7.82 15.51 19.59
C ASP B 62 8.93 16.36 20.19
N SER B 63 10.07 15.73 20.53
CA SER B 63 11.13 16.45 21.21
C SER B 63 11.77 17.52 20.34
N VAL B 64 11.60 17.45 19.02
CA VAL B 64 12.26 18.36 18.10
C VAL B 64 11.29 19.09 17.18
N LYS B 65 9.99 18.91 17.34
CA LYS B 65 9.02 19.39 16.35
C LYS B 65 8.96 20.91 16.35
N GLY B 66 9.16 21.51 15.18
CA GLY B 66 9.13 22.94 15.01
C GLY B 66 10.50 23.59 15.00
N ARG B 67 11.51 22.92 15.56
CA ARG B 67 12.87 23.44 15.60
C ARG B 67 13.73 22.87 14.48
N PHE B 68 13.77 21.55 14.35
CA PHE B 68 14.58 20.89 13.34
C PHE B 68 13.78 20.76 12.06
N THR B 69 14.40 21.12 10.93
CA THR B 69 13.78 21.00 9.62
C THR B 69 14.63 20.07 8.76
N ILE B 70 14.01 19.03 8.22
CA ILE B 70 14.68 18.08 7.34
C ILE B 70 14.32 18.40 5.90
N SER B 71 15.33 18.37 5.03
CA SER B 71 15.14 18.68 3.62
C SER B 71 16.16 17.89 2.81
N ARG B 72 15.98 17.89 1.49
CA ARG B 72 16.83 17.09 0.62
C ARG B 72 16.90 17.72 -0.76
N ASP B 73 18.11 17.83 -1.29
CA ASP B 73 18.33 18.23 -2.68
C ASP B 73 18.67 16.97 -3.47
N ASN B 74 17.71 16.48 -4.25
CA ASN B 74 17.88 15.25 -4.99
C ASN B 74 18.65 15.44 -6.29
N SER B 75 19.14 16.64 -6.56
CA SER B 75 20.03 16.91 -7.69
C SER B 75 21.50 16.91 -7.28
N LYS B 76 21.78 16.98 -5.98
CA LYS B 76 23.14 16.91 -5.46
C LYS B 76 23.39 15.68 -4.61
N ASN B 77 22.36 14.86 -4.37
CA ASN B 77 22.45 13.65 -3.55
C ASN B 77 22.99 13.95 -2.15
N THR B 78 22.33 14.90 -1.48
CA THR B 78 22.64 15.17 -0.08
C THR B 78 21.36 15.38 0.71
N LEU B 79 21.31 14.80 1.90
CA LEU B 79 20.21 14.95 2.86
C LEU B 79 20.61 15.97 3.93
N TYR B 80 19.65 16.78 4.35
CA TYR B 80 19.92 17.85 5.31
C TYR B 80 19.07 17.69 6.57
N LEU B 81 19.58 18.28 7.66
CA LEU B 81 18.80 18.50 8.88
C LEU B 81 19.18 19.86 9.43
N GLN B 82 18.21 20.77 9.49
CA GLN B 82 18.44 22.14 9.94
C GLN B 82 18.06 22.25 11.42
N LEU B 83 19.06 22.38 12.28
CA LEU B 83 18.83 22.53 13.71
C LEU B 83 18.60 24.01 14.05
N LYS B 84 17.65 24.25 14.95
CA LYS B 84 17.38 25.59 15.46
C LYS B 84 16.99 25.48 16.93
N SER B 85 17.24 26.57 17.66
CA SER B 85 16.87 26.69 19.07
C SER B 85 17.46 25.52 19.88
N LEU B 86 18.75 25.29 19.68
CA LEU B 86 19.40 24.11 20.23
C LEU B 86 19.52 24.20 21.76
N ARG B 87 19.65 23.03 22.37
CA ARG B 87 19.53 22.88 23.82
C ARG B 87 20.45 21.75 24.27
N PRO B 88 20.78 21.69 25.58
CA PRO B 88 21.67 20.62 26.05
C PRO B 88 21.11 19.22 25.88
N ASP B 89 19.78 19.06 25.84
CA ASP B 89 19.22 17.74 25.57
C ASP B 89 19.60 17.25 24.18
N ASP B 90 19.79 18.17 23.24
CA ASP B 90 20.16 17.84 21.87
C ASP B 90 21.61 17.43 21.71
N THR B 91 22.42 17.55 22.76
CA THR B 91 23.81 17.10 22.71
C THR B 91 23.85 15.60 22.46
N ALA B 92 24.25 15.19 21.27
CA ALA B 92 24.12 13.80 20.86
C ALA B 92 24.96 13.56 19.61
N VAL B 93 24.98 12.31 19.17
CA VAL B 93 25.53 11.92 17.88
C VAL B 93 24.38 11.75 16.90
N TYR B 94 24.48 12.38 15.74
CA TYR B 94 23.38 12.42 14.78
C TYR B 94 23.71 11.53 13.58
N TYR B 95 22.89 10.50 13.38
CA TYR B 95 23.06 9.58 12.26
C TYR B 95 21.98 9.81 11.21
N CYS B 96 22.38 9.92 9.95
CA CYS B 96 21.41 9.82 8.87
C CYS B 96 21.22 8.36 8.46
N VAL B 97 20.03 8.07 7.94
CA VAL B 97 19.59 6.69 7.74
C VAL B 97 18.82 6.57 6.44
N GLY B 98 19.16 5.57 5.64
CA GLY B 98 18.40 5.26 4.43
C GLY B 98 17.34 4.20 4.70
N ASP B 99 16.16 4.40 4.12
CA ASP B 99 15.03 3.51 4.30
C ASP B 99 14.86 2.63 3.06
N ARG B 100 13.75 1.90 3.00
CA ARG B 100 13.53 0.88 1.99
C ARG B 100 12.40 1.20 1.01
N ASP B 101 11.49 2.11 1.35
CA ASP B 101 10.34 2.41 0.51
C ASP B 101 10.36 3.87 0.09
N TYR B 102 9.32 4.29 -0.61
CA TYR B 102 9.23 5.67 -1.10
C TYR B 102 9.19 6.62 0.08
N PHE B 103 8.46 6.20 1.10
CA PHE B 103 8.32 7.05 2.29
C PHE B 103 9.38 6.58 3.28
N GLY B 104 9.55 7.27 4.39
CA GLY B 104 10.45 6.84 5.45
C GLY B 104 9.76 5.97 6.50
N SER B 105 9.28 4.78 6.10
CA SER B 105 8.36 4.03 6.94
C SER B 105 8.98 3.54 8.24
N GLY B 106 10.31 3.44 8.33
CA GLY B 106 10.91 3.00 9.58
C GLY B 106 11.78 1.76 9.47
N PHE B 107 12.37 1.55 8.29
CA PHE B 107 13.35 0.48 8.09
C PHE B 107 14.72 1.15 8.00
N PHE B 108 15.48 1.08 9.09
CA PHE B 108 16.76 1.78 9.18
C PHE B 108 17.87 0.89 8.64
N ASP B 109 17.89 0.76 7.31
CA ASP B 109 18.76 -0.19 6.63
C ASP B 109 20.23 0.20 6.60
N HIS B 110 20.57 1.32 5.97
CA HIS B 110 21.95 1.71 5.76
C HIS B 110 22.19 3.06 6.43
N TRP B 111 23.16 3.09 7.34
CA TRP B 111 23.44 4.26 8.17
C TRP B 111 24.66 5.01 7.66
N GLY B 112 24.88 6.18 8.25
CA GLY B 112 26.12 6.90 8.11
C GLY B 112 27.04 6.66 9.30
N GLN B 113 28.21 7.29 9.25
CA GLN B 113 29.14 7.14 10.36
C GLN B 113 28.73 7.98 11.57
N GLY B 114 28.07 9.10 11.35
CA GLY B 114 27.60 9.94 12.43
C GLY B 114 28.39 11.24 12.51
N THR B 115 27.79 12.21 13.21
CA THR B 115 28.44 13.49 13.48
C THR B 115 28.01 13.96 14.87
N LEU B 116 28.99 14.45 15.64
CA LEU B 116 28.74 14.85 17.02
C LEU B 116 28.30 16.30 17.07
N VAL B 117 27.25 16.57 17.85
CA VAL B 117 26.76 17.92 18.11
C VAL B 117 26.72 18.12 19.61
N THR B 118 27.38 19.18 20.09
CA THR B 118 27.48 19.46 21.51
C THR B 118 26.94 20.85 21.80
N VAL B 119 26.00 20.94 22.74
CA VAL B 119 25.39 22.21 23.12
C VAL B 119 25.70 22.50 24.58
N SER B 120 26.49 23.53 24.82
CA SER B 120 26.70 24.09 26.16
C SER B 120 27.26 25.49 26.00
N SER B 121 27.33 26.21 27.11
CA SER B 121 27.79 27.60 27.06
C SER B 121 29.23 27.73 27.53
N ASP C 1 3.41 8.48 20.82
CA ASP C 1 2.18 7.71 20.97
C ASP C 1 2.49 6.32 21.51
N ILE C 2 3.02 5.45 20.66
CA ILE C 2 3.27 4.06 21.03
C ILE C 2 4.59 3.97 21.78
N GLN C 3 4.54 3.37 22.98
CA GLN C 3 5.68 3.32 23.91
C GLN C 3 6.14 1.87 24.08
N MET C 4 7.27 1.53 23.45
CA MET C 4 7.83 0.19 23.55
C MET C 4 8.57 0.02 24.88
N THR C 5 8.46 -1.18 25.46
CA THR C 5 9.17 -1.51 26.69
C THR C 5 9.94 -2.81 26.49
N GLN C 6 11.25 -2.77 26.72
CA GLN C 6 12.10 -3.94 26.58
C GLN C 6 12.44 -4.53 27.94
N SER C 7 12.73 -5.83 27.95
CA SER C 7 13.16 -6.52 29.14
C SER C 7 14.08 -7.66 28.73
N PRO C 8 15.15 -7.92 29.49
CA PRO C 8 15.62 -7.18 30.66
C PRO C 8 16.39 -5.94 30.23
N SER C 9 16.69 -5.02 31.15
CA SER C 9 17.56 -3.91 30.79
C SER C 9 18.97 -4.40 30.49
N SER C 10 19.44 -5.42 31.21
CA SER C 10 20.77 -5.96 31.02
C SER C 10 20.69 -7.48 31.11
N LEU C 11 21.66 -8.15 30.49
CA LEU C 11 21.68 -9.61 30.46
C LEU C 11 23.10 -10.09 30.27
N SER C 12 23.62 -10.86 31.22
CA SER C 12 24.95 -11.44 31.13
C SER C 12 24.84 -12.91 30.73
N ALA C 13 25.61 -13.31 29.73
CA ALA C 13 25.61 -14.68 29.27
C ALA C 13 26.95 -15.00 28.63
N SER C 14 27.37 -16.27 28.76
CA SER C 14 28.66 -16.71 28.23
C SER C 14 28.51 -17.19 26.79
N ILE C 15 29.65 -17.34 26.13
CA ILE C 15 29.65 -17.69 24.71
C ILE C 15 29.08 -19.08 24.52
N GLY C 16 28.12 -19.20 23.61
CA GLY C 16 27.44 -20.45 23.34
C GLY C 16 26.07 -20.57 23.97
N ASP C 17 25.67 -19.62 24.81
CA ASP C 17 24.39 -19.69 25.51
C ASP C 17 23.25 -19.23 24.61
N ARG C 18 22.05 -19.24 25.17
CA ARG C 18 20.84 -18.78 24.50
C ARG C 18 20.33 -17.52 25.20
N VAL C 19 20.24 -16.42 24.46
CA VAL C 19 19.86 -15.12 25.00
C VAL C 19 18.53 -14.72 24.38
N THR C 20 17.53 -14.46 25.23
CA THR C 20 16.17 -14.21 24.79
C THR C 20 15.69 -12.86 25.31
N ILE C 21 15.87 -11.83 24.50
CA ILE C 21 15.35 -10.50 24.82
C ILE C 21 13.87 -10.43 24.46
N THR C 22 13.09 -9.72 25.27
CA THR C 22 11.66 -9.56 25.01
C THR C 22 11.31 -8.08 24.91
N CYS C 23 10.39 -7.77 24.00
CA CYS C 23 9.95 -6.41 23.71
C CYS C 23 8.43 -6.37 23.78
N ARG C 24 7.89 -5.23 24.18
CA ARG C 24 6.44 -5.09 24.35
C ARG C 24 5.97 -3.75 23.83
N ALA C 25 4.85 -3.77 23.11
CA ALA C 25 4.26 -2.58 22.52
C ALA C 25 2.94 -2.27 23.21
N SER C 26 2.72 -0.99 23.54
CA SER C 26 1.53 -0.59 24.27
C SER C 26 0.26 -0.91 23.48
N ARG C 27 0.32 -0.86 22.16
CA ARG C 27 -0.82 -1.17 21.31
C ARG C 27 -0.45 -2.30 20.35
N HIS C 28 -1.41 -2.70 19.53
CA HIS C 28 -1.17 -3.73 18.53
C HIS C 28 -0.47 -3.11 17.33
N ILE C 29 0.69 -3.65 16.98
CA ILE C 29 1.45 -3.19 15.83
C ILE C 29 1.63 -4.30 14.80
N THR C 30 0.75 -5.32 14.84
CA THR C 30 0.89 -6.54 14.05
C THR C 30 2.32 -7.07 14.11
N ASN C 31 3.01 -7.07 12.98
CA ASN C 31 4.40 -7.51 12.93
C ASN C 31 5.30 -6.40 12.40
N HIS C 32 4.96 -5.16 12.69
CA HIS C 32 5.74 -4.01 12.22
C HIS C 32 6.82 -3.64 13.24
N LEU C 33 7.75 -4.57 13.44
CA LEU C 33 8.81 -4.40 14.43
C LEU C 33 10.16 -4.78 13.85
N ASN C 34 11.19 -4.00 14.22
CA ASN C 34 12.56 -4.28 13.81
C ASN C 34 13.45 -4.43 15.05
N TRP C 35 14.57 -5.14 14.88
CA TRP C 35 15.56 -5.33 15.93
C TRP C 35 16.91 -4.82 15.46
N TYR C 36 17.64 -4.14 16.36
CA TYR C 36 18.88 -3.49 16.00
C TYR C 36 19.99 -3.82 16.99
N GLN C 37 21.19 -4.06 16.46
CA GLN C 37 22.39 -4.24 17.27
C GLN C 37 23.23 -2.97 17.24
N HIS C 38 23.57 -2.46 18.42
CA HIS C 38 24.45 -1.31 18.54
C HIS C 38 25.62 -1.67 19.44
N LYS C 39 26.83 -1.51 18.91
CA LYS C 39 28.06 -1.75 19.67
C LYS C 39 28.79 -0.44 19.88
N PRO C 40 29.51 -0.29 20.99
CA PRO C 40 30.20 0.98 21.26
C PRO C 40 31.10 1.44 20.13
N GLY C 41 30.93 2.71 19.74
CA GLY C 41 31.68 3.34 18.67
C GLY C 41 31.08 3.16 17.29
N ARG C 42 30.67 1.95 16.94
CA ARG C 42 30.09 1.66 15.63
C ARG C 42 28.60 1.97 15.63
N ALA C 43 28.08 2.30 14.46
CA ALA C 43 26.68 2.67 14.27
C ALA C 43 25.76 1.50 14.53
N PRO C 44 24.45 1.74 14.70
CA PRO C 44 23.51 0.61 14.80
C PRO C 44 23.45 -0.18 13.50
N LYS C 45 23.08 -1.45 13.63
CA LYS C 45 22.97 -2.38 12.51
C LYS C 45 21.63 -3.09 12.58
N LEU C 46 20.99 -3.27 11.43
CA LEU C 46 19.64 -3.82 11.36
C LEU C 46 19.71 -5.34 11.21
N LEU C 47 19.15 -6.05 12.19
CA LEU C 47 19.17 -7.52 12.19
C LEU C 47 17.87 -8.15 11.68
N ILE C 48 16.72 -7.78 12.25
CA ILE C 48 15.45 -8.39 11.93
C ILE C 48 14.46 -7.30 11.52
N TYR C 49 13.72 -7.54 10.43
CA TYR C 49 12.60 -6.72 10.02
C TYR C 49 11.34 -7.57 9.93
N GLU C 50 10.18 -6.92 10.07
CA GLU C 50 8.88 -7.61 10.12
C GLU C 50 8.86 -8.67 11.21
N ALA C 51 9.69 -8.48 12.25
CA ALA C 51 9.68 -9.20 13.50
C ALA C 51 10.18 -10.64 13.39
N SER C 52 10.40 -11.13 12.17
CA SER C 52 10.92 -12.49 12.03
C SER C 52 11.88 -12.68 10.86
N ASN C 53 12.08 -11.68 10.01
CA ASN C 53 12.89 -11.85 8.82
C ASN C 53 14.34 -11.46 9.08
N LEU C 54 15.26 -12.26 8.54
CA LEU C 54 16.68 -11.99 8.68
C LEU C 54 17.12 -11.01 7.59
N GLN C 55 17.83 -9.96 8.00
CA GLN C 55 18.45 -9.07 7.05
C GLN C 55 19.54 -9.79 6.27
N ALA C 56 19.76 -9.35 5.04
CA ALA C 56 20.75 -9.98 4.17
C ALA C 56 22.13 -9.93 4.82
N GLY C 57 22.79 -11.08 4.88
CA GLY C 57 24.15 -11.14 5.39
C GLY C 57 24.28 -11.20 6.89
N VAL C 58 23.22 -11.54 7.61
CA VAL C 58 23.27 -11.63 9.07
C VAL C 58 23.23 -13.10 9.48
N PRO C 59 24.03 -13.51 10.46
CA PRO C 59 24.09 -14.95 10.80
C PRO C 59 22.74 -15.52 11.23
N SER C 60 22.57 -16.81 10.96
CA SER C 60 21.31 -17.51 11.21
C SER C 60 21.03 -17.73 12.70
N ARG C 61 22.00 -17.48 13.58
CA ARG C 61 21.74 -17.62 15.01
C ARG C 61 20.74 -16.58 15.50
N PHE C 62 20.70 -15.40 14.87
CA PHE C 62 19.71 -14.40 15.23
C PHE C 62 18.34 -14.81 14.70
N SER C 63 17.30 -14.54 15.50
CA SER C 63 15.94 -14.86 15.12
C SER C 63 15.01 -13.78 15.66
N GLY C 64 13.71 -13.97 15.40
CA GLY C 64 12.68 -13.10 15.92
C GLY C 64 11.31 -13.72 15.77
N SER C 65 10.38 -13.36 16.64
CA SER C 65 9.03 -13.91 16.58
C SER C 65 8.07 -12.97 17.30
N GLY C 66 6.79 -13.29 17.20
CA GLY C 66 5.77 -12.56 17.92
C GLY C 66 4.94 -11.68 16.99
N SER C 67 3.73 -11.36 17.45
CA SER C 67 2.82 -10.49 16.72
C SER C 67 1.79 -9.96 17.72
N GLY C 68 1.32 -8.75 17.48
CA GLY C 68 0.39 -8.13 18.40
C GLY C 68 1.06 -7.11 19.30
N THR C 69 1.32 -7.50 20.54
CA THR C 69 2.00 -6.65 21.51
C THR C 69 3.30 -7.22 22.04
N ASP C 70 3.40 -8.54 22.18
CA ASP C 70 4.56 -9.19 22.79
C ASP C 70 5.44 -9.83 21.71
N PHE C 71 6.73 -9.50 21.74
CA PHE C 71 7.68 -9.94 20.73
C PHE C 71 8.94 -10.47 21.42
N THR C 72 9.81 -11.10 20.63
CA THR C 72 10.96 -11.79 21.18
C THR C 72 12.14 -11.72 20.22
N PHE C 73 13.34 -11.52 20.76
CA PHE C 73 14.60 -11.54 20.02
C PHE C 73 15.53 -12.53 20.68
N THR C 74 16.05 -13.49 19.92
CA THR C 74 16.78 -14.62 20.49
C THR C 74 18.08 -14.85 19.75
N ILE C 75 19.16 -15.08 20.50
CA ILE C 75 20.43 -15.56 19.96
C ILE C 75 20.59 -17.01 20.39
N SER C 76 20.62 -17.91 19.41
CA SER C 76 20.65 -19.34 19.74
C SER C 76 21.98 -19.72 20.39
N SER C 77 23.09 -19.30 19.80
CA SER C 77 24.42 -19.56 20.35
C SER C 77 25.19 -18.25 20.35
N LEU C 78 25.44 -17.70 21.53
CA LEU C 78 26.13 -16.43 21.65
C LEU C 78 27.58 -16.58 21.20
N GLN C 79 28.11 -15.54 20.55
CA GLN C 79 29.47 -15.45 20.09
C GLN C 79 30.12 -14.22 20.67
N PRO C 80 31.47 -14.16 20.73
CA PRO C 80 32.12 -13.00 21.35
C PRO C 80 31.76 -11.67 20.71
N GLU C 81 31.55 -11.64 19.39
CA GLU C 81 31.17 -10.38 18.74
C GLU C 81 29.74 -9.98 19.09
N ASP C 82 28.90 -10.94 19.44
CA ASP C 82 27.49 -10.71 19.73
C ASP C 82 27.27 -9.96 21.03
N PHE C 83 28.31 -9.47 21.71
CA PHE C 83 28.14 -8.74 22.95
C PHE C 83 28.01 -7.26 22.62
N ALA C 84 26.80 -6.73 22.79
CA ALA C 84 26.46 -5.36 22.42
C ALA C 84 25.07 -5.08 22.99
N THR C 85 24.54 -3.90 22.69
CA THR C 85 23.21 -3.50 23.09
C THR C 85 22.24 -3.68 21.92
N TYR C 86 21.02 -4.12 22.22
CA TYR C 86 20.03 -4.44 21.21
C TYR C 86 18.74 -3.65 21.45
N TYR C 87 18.09 -3.23 20.36
CA TYR C 87 16.90 -2.40 20.43
C TYR C 87 15.79 -2.95 19.53
N CYS C 88 14.55 -2.75 19.95
CA CYS C 88 13.38 -3.05 19.13
C CYS C 88 12.68 -1.76 18.74
N GLN C 89 12.21 -1.68 17.49
CA GLN C 89 11.61 -0.47 16.96
C GLN C 89 10.31 -0.80 16.22
N GLN C 90 9.24 -0.08 16.55
CA GLN C 90 7.96 -0.26 15.89
C GLN C 90 7.82 0.73 14.75
N TYR C 91 7.11 0.31 13.69
CA TYR C 91 6.83 1.23 12.59
C TYR C 91 5.38 1.13 12.12
N ASP C 92 4.46 0.76 13.02
CA ASP C 92 3.05 0.78 12.67
C ASP C 92 2.51 2.21 12.66
N ASN C 93 2.80 2.97 13.70
CA ASN C 93 2.45 4.38 13.75
C ASN C 93 3.58 5.20 13.16
N LEU C 94 3.21 6.27 12.45
CA LEU C 94 4.20 7.05 11.72
C LEU C 94 5.31 7.64 12.58
N PRO C 95 5.13 7.97 13.87
CA PRO C 95 6.28 8.27 14.71
C PRO C 95 6.99 6.99 15.13
N PRO C 96 8.16 6.70 14.57
CA PRO C 96 8.86 5.46 14.94
C PRO C 96 9.40 5.56 16.36
N ALA C 97 9.39 4.44 17.08
CA ALA C 97 9.75 4.42 18.48
C ALA C 97 10.78 3.34 18.76
N PHE C 98 11.87 3.71 19.41
CA PHE C 98 12.81 2.76 19.96
C PHE C 98 12.44 2.44 21.39
N GLY C 99 12.55 1.17 21.76
CA GLY C 99 12.46 0.78 23.15
C GLY C 99 13.69 1.25 23.92
N GLY C 100 13.71 0.93 25.22
CA GLY C 100 14.83 1.33 26.05
C GLY C 100 16.14 0.71 25.61
N GLY C 101 16.10 -0.58 25.27
CA GLY C 101 17.29 -1.32 24.89
C GLY C 101 17.55 -2.48 25.85
N THR C 102 18.62 -3.21 25.54
CA THR C 102 19.04 -4.32 26.38
C THR C 102 20.52 -4.57 26.13
N LYS C 103 21.34 -4.30 27.13
CA LYS C 103 22.78 -4.53 27.02
C LYS C 103 23.09 -5.99 27.33
N VAL C 104 24.00 -6.57 26.54
CA VAL C 104 24.40 -7.95 26.73
C VAL C 104 25.85 -7.96 27.23
N ASP C 105 26.03 -8.41 28.46
CA ASP C 105 27.34 -8.60 29.05
C ASP C 105 27.72 -10.07 28.96
N ILE C 106 28.91 -10.37 29.49
CA ILE C 106 29.47 -11.74 29.38
C ILE C 106 29.67 -12.31 30.79
N LYS C 107 29.13 -13.50 31.07
CA LYS C 107 29.22 -14.07 32.44
C LYS C 107 30.67 -14.45 32.76
N ARG C 108 31.21 -13.94 33.87
CA ARG C 108 32.58 -14.28 34.31
C ARG C 108 32.55 -14.51 35.83
C1 NAG D . -0.13 -13.10 -11.95
C2 NAG D . -1.65 -13.10 -11.80
C3 NAG D . -2.08 -13.92 -10.57
C4 NAG D . -1.42 -15.29 -10.59
C5 NAG D . 0.09 -15.14 -10.75
C6 NAG D . 0.83 -16.45 -10.84
C7 NAG D . -3.41 -11.37 -11.88
C8 NAG D . -3.71 -9.90 -11.72
N2 NAG D . -2.13 -11.73 -11.68
O3 NAG D . -3.49 -14.05 -10.56
O4 NAG D . -1.74 -15.97 -9.37
O5 NAG D . 0.36 -14.44 -11.96
O6 NAG D . 2.23 -16.26 -10.78
O7 NAG D . -4.28 -12.18 -12.20
C1 NAG D . -2.22 -17.29 -9.70
C2 NAG D . -2.08 -18.17 -8.45
C3 NAG D . -2.58 -19.58 -8.76
C4 NAG D . -4.00 -19.53 -9.30
C5 NAG D . -4.08 -18.58 -10.50
C6 NAG D . -5.49 -18.39 -11.01
C7 NAG D . -0.20 -17.28 -7.17
C8 NAG D . 1.24 -17.46 -6.78
N2 NAG D . -0.70 -18.20 -7.98
O3 NAG D . -2.53 -20.36 -7.56
O4 NAG D . -4.42 -20.83 -9.70
O5 NAG D . -3.60 -17.28 -10.13
O6 NAG D . -6.38 -18.05 -9.96
O7 NAG D . -0.86 -16.34 -6.75
C1 BMA D . -5.43 -21.27 -8.77
C2 BMA D . -6.70 -21.61 -9.57
C3 BMA D . -7.76 -22.16 -8.62
C4 BMA D . -7.20 -23.31 -7.77
C5 BMA D . -5.92 -22.85 -7.04
C6 BMA D . -5.26 -23.95 -6.23
O2 BMA D . -6.43 -22.63 -10.52
O3 BMA D . -8.92 -22.59 -9.33
O4 BMA D . -8.17 -23.71 -6.81
O5 BMA D . -4.98 -22.40 -8.03
O6 BMA D . -3.98 -23.51 -5.82
C1 NAG E . 14.44 -9.30 0.11
C2 NAG E . 15.69 -9.46 0.99
C3 NAG E . 16.68 -10.38 0.29
C4 NAG E . 16.04 -11.73 -0.01
C5 NAG E . 14.78 -11.50 -0.86
C6 NAG E . 13.99 -12.75 -1.15
C7 NAG E . 16.38 -7.55 2.40
C8 NAG E . 16.64 -6.07 2.35
N2 NAG E . 16.31 -8.18 1.22
O3 NAG E . 17.82 -10.55 1.12
O4 NAG E . 16.94 -12.56 -0.73
O5 NAG E . 13.92 -10.59 -0.16
O6 NAG E . 13.46 -13.31 0.05
O7 NAG E . 16.24 -8.13 3.47
C1 NAG E . 17.04 -13.88 -0.32
C2 NAG E . 18.03 -14.54 -1.28
C3 NAG E . 18.40 -15.93 -0.75
C4 NAG E . 18.88 -15.87 0.69
C5 NAG E . 17.84 -15.16 1.56
C6 NAG E . 18.33 -14.91 2.97
C7 NAG E . 17.75 -13.89 -3.63
C8 NAG E . 17.12 -14.27 -4.93
N2 NAG E . 17.43 -14.66 -2.59
O3 NAG E . 19.41 -16.46 -1.59
O4 NAG E . 19.04 -17.20 1.18
O5 NAG E . 17.51 -13.86 1.02
O6 NAG E . 19.29 -13.85 3.00
O7 NAG E . 18.50 -12.92 -3.52
#